data_7WHE
#
_entry.id   7WHE
#
_cell.length_a   68.056
_cell.length_b   85.854
_cell.length_c   97.701
_cell.angle_alpha   90.000
_cell.angle_beta   90.000
_cell.angle_gamma   90.000
#
_symmetry.space_group_name_H-M   'P 2 21 21'
#
loop_
_entity.id
_entity.type
_entity.pdbx_description
1 polymer Beta-xylanase
2 branched beta-D-xylopyranose-(1-4)-alpha-D-xylopyranose
3 non-polymer 2-acetamido-2-deoxy-beta-D-glucopyranose
4 non-polymer GLYCEROL
5 water water
#
_entity_poly.entity_id   1
_entity_poly.type   'polypeptide(L)'
_entity_poly.pdbx_seq_one_letter_code
;EAEAAGLNTAAKAKGLKYFGSATDNPELTDSAYVAQLSNTDDFGQITPGNSMKWDATEPSQNSFSFANGDAVVNLANKNG
QLMRCHTLVWHSQLPNWVSSGSWTNATLLAAMKNHITNVVTHYKGKCYAWDVVNEALNEDGTFRNSVFYQIIGPAYIPIA
FATAAAADPDVKLYYNDYNIEYSGAKATAAQNIVKMIKAYGAKIDGVGLQAHFIVGSTPSQSDLTTVLKGYTALGVEVAY
TELDIKMQLPSTAAKLAQQSTDFQGVAAACVSTTGCVGVTIWDWTDKYSWVPSVFQGYGAPLPWDENYVKKPAYDGLMAG
LGASGSGTT
;
_entity_poly.pdbx_strand_id   A,B
#
# COMPACT_ATOMS: atom_id res chain seq x y z
N ALA A 5 6.96 37.36 -8.39
CA ALA A 5 7.49 36.11 -7.76
C ALA A 5 6.37 35.07 -7.80
N GLY A 6 6.74 33.86 -8.17
CA GLY A 6 5.89 32.68 -8.12
C GLY A 6 6.77 31.47 -8.45
N LEU A 7 6.14 30.28 -8.56
CA LEU A 7 6.87 29.05 -8.76
C LEU A 7 7.68 29.05 -10.05
N ASN A 8 7.09 29.56 -11.14
CA ASN A 8 7.71 29.51 -12.44
C ASN A 8 8.85 30.53 -12.49
N THR A 9 8.64 31.72 -11.93
CA THR A 9 9.71 32.70 -11.91
C THR A 9 10.93 32.20 -11.12
N ALA A 10 10.67 31.64 -9.94
CA ALA A 10 11.68 31.04 -9.08
C ALA A 10 12.39 29.90 -9.81
N ALA A 11 11.62 29.00 -10.46
CA ALA A 11 12.22 27.87 -11.16
C ALA A 11 13.17 28.36 -12.25
N LYS A 12 12.72 29.34 -13.05
CA LYS A 12 13.53 29.78 -14.18
C LYS A 12 14.81 30.45 -13.67
N ALA A 13 14.71 31.12 -12.50
CA ALA A 13 15.89 31.80 -11.96
C ALA A 13 16.98 30.77 -11.63
N LYS A 14 16.54 29.57 -11.22
CA LYS A 14 17.45 28.50 -10.87
C LYS A 14 17.88 27.70 -12.09
N GLY A 15 17.40 28.05 -13.28
CA GLY A 15 17.88 27.40 -14.49
C GLY A 15 16.93 26.31 -15.02
N LEU A 16 15.82 26.05 -14.33
CA LEU A 16 14.83 25.14 -14.89
C LEU A 16 14.18 25.84 -16.07
N LYS A 17 13.62 25.05 -17.01
CA LYS A 17 12.88 25.64 -18.10
C LYS A 17 11.50 26.12 -17.65
N TYR A 18 10.92 25.47 -16.64
CA TYR A 18 9.56 25.85 -16.21
C TYR A 18 9.24 25.28 -14.83
N PHE A 19 8.24 25.90 -14.17
CA PHE A 19 7.40 25.15 -13.25
C PHE A 19 6.00 25.15 -13.85
N GLY A 20 5.29 24.02 -13.82
CA GLY A 20 4.05 23.99 -14.59
C GLY A 20 2.97 23.12 -13.92
N SER A 21 1.83 23.01 -14.59
CA SER A 21 0.72 22.29 -14.02
C SER A 21 -0.04 21.57 -15.12
N ALA A 22 -0.58 20.40 -14.77
CA ALA A 22 -1.55 19.75 -15.64
C ALA A 22 -2.91 20.43 -15.46
N THR A 23 -3.81 20.15 -16.40
CA THR A 23 -5.20 20.61 -16.27
C THR A 23 -6.06 19.60 -17.01
N ASP A 24 -7.37 19.82 -17.03
CA ASP A 24 -8.22 18.98 -17.84
C ASP A 24 -9.42 19.81 -18.30
N ASN A 25 -10.02 19.37 -19.40
CA ASN A 25 -10.99 20.19 -20.12
C ASN A 25 -12.23 20.52 -19.25
N PRO A 26 -12.75 19.63 -18.39
CA PRO A 26 -13.91 20.00 -17.57
C PRO A 26 -13.69 21.18 -16.63
N GLU A 27 -12.43 21.51 -16.34
CA GLU A 27 -12.09 22.58 -15.40
C GLU A 27 -12.12 23.96 -16.08
N LEU A 28 -12.08 23.96 -17.42
CA LEU A 28 -11.77 25.19 -18.14
C LEU A 28 -12.98 26.13 -18.21
N THR A 29 -14.18 25.63 -17.85
CA THR A 29 -15.35 26.50 -17.79
C THR A 29 -15.37 27.28 -16.48
N ASP A 30 -14.46 26.95 -15.54
CA ASP A 30 -14.38 27.65 -14.28
C ASP A 30 -13.43 28.83 -14.45
N SER A 31 -13.94 30.06 -14.64
CA SER A 31 -13.07 31.19 -14.96
C SER A 31 -12.09 31.56 -13.85
N ALA A 32 -12.47 31.34 -12.58
CA ALA A 32 -11.57 31.58 -11.47
C ALA A 32 -10.40 30.58 -11.53
N TYR A 33 -10.72 29.31 -11.80
CA TYR A 33 -9.69 28.28 -11.96
C TYR A 33 -8.72 28.68 -13.07
N VAL A 34 -9.29 29.05 -14.23
CA VAL A 34 -8.49 29.34 -15.39
C VAL A 34 -7.61 30.57 -15.14
N ALA A 35 -8.09 31.54 -14.40
CA ALA A 35 -7.28 32.73 -14.14
C ALA A 35 -5.98 32.37 -13.42
N GLN A 36 -6.02 31.39 -12.51
CA GLN A 36 -4.79 31.04 -11.78
C GLN A 36 -3.96 30.09 -12.62
N LEU A 37 -4.62 29.17 -13.35
CA LEU A 37 -3.83 28.31 -14.25
C LEU A 37 -3.05 29.18 -15.24
N SER A 38 -3.62 30.33 -15.63
CA SER A 38 -3.01 31.20 -16.61
C SER A 38 -2.01 32.17 -16.04
N ASN A 39 -1.78 32.14 -14.72
CA ASN A 39 -0.81 33.01 -14.03
C ASN A 39 0.62 32.47 -14.26
N THR A 40 1.36 33.10 -15.16
CA THR A 40 2.67 32.62 -15.61
C THR A 40 3.76 32.92 -14.60
N ASP A 41 3.40 33.69 -13.57
CA ASP A 41 4.31 33.79 -12.41
C ASP A 41 4.45 32.41 -11.76
N ASP A 42 3.33 31.64 -11.71
CA ASP A 42 3.34 30.32 -11.09
C ASP A 42 3.51 29.21 -12.11
N PHE A 43 2.93 29.37 -13.33
CA PHE A 43 2.96 28.26 -14.26
C PHE A 43 3.45 28.71 -15.64
N GLY A 44 4.63 28.21 -16.02
CA GLY A 44 5.17 28.43 -17.36
C GLY A 44 4.96 27.28 -18.35
N GLN A 45 4.16 26.27 -17.96
CA GLN A 45 4.08 25.04 -18.73
C GLN A 45 2.76 24.36 -18.32
N ILE A 46 2.14 23.72 -19.31
CA ILE A 46 0.86 23.02 -19.10
C ILE A 46 0.97 21.60 -19.66
N THR A 47 0.38 20.62 -18.95
CA THR A 47 0.20 19.28 -19.51
C THR A 47 -1.30 19.02 -19.64
N PRO A 48 -1.84 18.49 -20.76
CA PRO A 48 -3.23 18.05 -20.76
C PRO A 48 -3.35 16.74 -20.00
N GLY A 49 -4.13 16.74 -18.91
CA GLY A 49 -4.25 15.55 -18.10
C GLY A 49 -4.85 14.35 -18.85
N ASN A 50 -5.71 14.59 -19.85
CA ASN A 50 -6.39 13.47 -20.49
C ASN A 50 -6.56 13.62 -22.00
N SER A 51 -6.60 14.85 -22.51
CA SER A 51 -7.09 15.01 -23.87
C SER A 51 -6.08 14.69 -24.98
N MET A 52 -4.86 14.28 -24.66
CA MET A 52 -3.98 13.79 -25.73
C MET A 52 -3.69 12.30 -25.60
N LYS A 53 -4.34 11.59 -24.65
CA LYS A 53 -4.18 10.14 -24.55
C LYS A 53 -4.92 9.43 -25.68
N TRP A 54 -4.64 8.14 -25.84
CA TRP A 54 -5.13 7.37 -26.98
C TRP A 54 -6.66 7.23 -26.93
N ASP A 55 -7.23 7.09 -25.72
CA ASP A 55 -8.68 6.98 -25.64
C ASP A 55 -9.34 8.28 -26.11
N ALA A 56 -8.68 9.42 -25.89
CA ALA A 56 -9.19 10.73 -26.32
C ALA A 56 -8.93 10.98 -27.80
N THR A 57 -7.77 10.56 -28.34
CA THR A 57 -7.34 11.05 -29.64
C THR A 57 -7.65 10.05 -30.78
N GLU A 58 -7.86 8.76 -30.47
CA GLU A 58 -8.13 7.76 -31.51
C GLU A 58 -9.11 6.75 -30.94
N PRO A 59 -10.29 7.21 -30.51
CA PRO A 59 -11.24 6.36 -29.79
C PRO A 59 -11.80 5.23 -30.64
N SER A 60 -11.79 5.40 -31.97
CA SER A 60 -12.06 4.29 -32.86
C SER A 60 -10.92 4.30 -33.87
N GLN A 61 -10.74 3.16 -34.53
CA GLN A 61 -9.54 2.95 -35.34
C GLN A 61 -9.51 3.97 -36.46
N ASN A 62 -8.38 4.71 -36.52
CA ASN A 62 -8.09 5.69 -37.57
C ASN A 62 -8.92 6.97 -37.42
N SER A 63 -9.68 7.09 -36.32
CA SER A 63 -10.56 8.25 -36.17
CA SER A 63 -10.58 8.22 -36.14
C SER A 63 -9.95 9.22 -35.17
N PHE A 64 -9.18 10.16 -35.71
CA PHE A 64 -8.44 11.07 -34.86
C PHE A 64 -9.30 12.25 -34.41
N SER A 65 -9.16 12.54 -33.15
CA SER A 65 -10.02 13.50 -32.49
C SER A 65 -9.17 14.43 -31.65
N PHE A 66 -8.98 15.68 -32.12
CA PHE A 66 -8.00 16.54 -31.48
C PHE A 66 -8.62 17.77 -30.80
N ALA A 67 -9.95 17.95 -30.86
CA ALA A 67 -10.50 19.24 -30.43
C ALA A 67 -10.15 19.56 -28.96
N ASN A 68 -10.28 18.55 -28.09
CA ASN A 68 -10.04 18.81 -26.69
C ASN A 68 -8.54 19.03 -26.40
N GLY A 69 -7.66 18.31 -27.11
CA GLY A 69 -6.23 18.57 -26.93
C GLY A 69 -5.85 19.96 -27.45
N ASP A 70 -6.42 20.33 -28.61
CA ASP A 70 -6.14 21.62 -29.25
C ASP A 70 -6.58 22.77 -28.34
N ALA A 71 -7.69 22.57 -27.59
CA ALA A 71 -8.17 23.63 -26.70
C ALA A 71 -7.17 23.90 -25.58
N VAL A 72 -6.52 22.82 -25.11
CA VAL A 72 -5.51 23.03 -24.07
C VAL A 72 -4.28 23.75 -24.65
N VAL A 73 -3.83 23.35 -25.84
CA VAL A 73 -2.68 23.96 -26.51
C VAL A 73 -2.96 25.44 -26.77
N ASN A 74 -4.19 25.74 -27.16
CA ASN A 74 -4.59 27.10 -27.51
C ASN A 74 -4.53 27.99 -26.29
N LEU A 75 -4.95 27.44 -25.14
CA LEU A 75 -4.87 28.17 -23.86
C LEU A 75 -3.42 28.47 -23.50
N ALA A 76 -2.57 27.43 -23.60
CA ALA A 76 -1.16 27.58 -23.29
C ALA A 76 -0.50 28.62 -24.20
N ASN A 77 -0.87 28.56 -25.47
CA ASN A 77 -0.30 29.44 -26.49
C ASN A 77 -0.71 30.86 -26.16
N LYS A 78 -1.98 31.06 -25.79
CA LYS A 78 -2.45 32.40 -25.45
C LYS A 78 -1.66 32.94 -24.27
N ASN A 79 -1.28 32.08 -23.33
CA ASN A 79 -0.65 32.48 -22.08
C ASN A 79 0.87 32.59 -22.22
N GLY A 80 1.44 32.04 -23.29
CA GLY A 80 2.88 31.99 -23.49
C GLY A 80 3.47 30.87 -22.62
N GLN A 81 2.67 29.82 -22.36
CA GLN A 81 3.18 28.65 -21.63
C GLN A 81 3.65 27.55 -22.59
N LEU A 82 4.71 26.82 -22.18
CA LEU A 82 5.15 25.63 -22.90
C LEU A 82 4.12 24.52 -22.73
N MET A 83 4.15 23.55 -23.64
CA MET A 83 3.33 22.35 -23.47
C MET A 83 4.21 21.13 -23.22
N ARG A 84 3.77 20.22 -22.33
CA ARG A 84 4.25 18.85 -22.43
C ARG A 84 3.07 18.02 -22.90
N CYS A 85 3.32 17.21 -23.92
CA CYS A 85 2.27 16.41 -24.55
C CYS A 85 2.31 14.99 -24.00
N HIS A 86 1.13 14.42 -23.72
CA HIS A 86 1.04 13.24 -22.85
C HIS A 86 -0.21 12.50 -23.24
N THR A 87 -0.14 11.21 -23.61
CA THR A 87 1.03 10.36 -23.81
C THR A 87 0.66 9.41 -24.96
N LEU A 88 1.65 8.90 -25.71
CA LEU A 88 1.37 8.17 -26.94
C LEU A 88 1.06 6.70 -26.73
N VAL A 89 2.04 5.93 -26.23
CA VAL A 89 1.87 4.51 -26.08
C VAL A 89 1.78 4.18 -24.59
N TRP A 90 0.63 3.65 -24.19
CA TRP A 90 0.40 3.33 -22.77
C TRP A 90 -0.64 2.22 -22.70
N HIS A 91 -0.51 1.34 -21.71
CA HIS A 91 -1.44 0.23 -21.55
C HIS A 91 -2.78 0.67 -20.97
N SER A 92 -2.79 1.76 -20.22
CA SER A 92 -4.01 2.28 -19.63
C SER A 92 -4.66 3.28 -20.57
N GLN A 93 -5.99 3.52 -20.43
CA GLN A 93 -6.64 4.55 -21.25
C GLN A 93 -6.45 4.25 -22.74
N LEU A 94 -6.47 2.95 -23.03
CA LEU A 94 -6.31 2.50 -24.40
C LEU A 94 -7.69 2.09 -24.89
N PRO A 95 -8.16 2.54 -26.06
CA PRO A 95 -9.46 2.08 -26.59
C PRO A 95 -9.51 0.57 -26.76
N ASN A 96 -10.72 0.00 -26.61
CA ASN A 96 -10.88 -1.44 -26.64
C ASN A 96 -10.42 -2.00 -28.00
N TRP A 97 -10.59 -1.22 -29.07
CA TRP A 97 -10.16 -1.73 -30.36
C TRP A 97 -8.67 -2.10 -30.37
N VAL A 98 -7.87 -1.45 -29.51
CA VAL A 98 -6.45 -1.80 -29.43
C VAL A 98 -6.31 -2.91 -28.39
N SER A 99 -6.82 -2.69 -27.16
CA SER A 99 -6.48 -3.62 -26.09
C SER A 99 -7.07 -5.02 -26.35
N SER A 100 -8.25 -5.10 -26.99
CA SER A 100 -8.94 -6.35 -27.22
C SER A 100 -8.74 -6.92 -28.61
N GLY A 101 -7.97 -6.21 -29.45
CA GLY A 101 -7.82 -6.59 -30.84
C GLY A 101 -7.14 -7.94 -31.06
N SER A 102 -7.42 -8.49 -32.24
CA SER A 102 -6.73 -9.67 -32.72
C SER A 102 -5.58 -9.19 -33.59
N TRP A 103 -4.36 -9.22 -33.02
CA TRP A 103 -3.22 -8.58 -33.69
C TRP A 103 -2.16 -9.63 -34.10
N THR A 104 -1.34 -9.23 -35.07
CA THR A 104 -0.05 -9.85 -35.34
C THR A 104 1.00 -8.77 -35.12
N ASN A 105 2.28 -9.15 -35.09
CA ASN A 105 3.29 -8.10 -34.93
C ASN A 105 3.11 -6.99 -35.97
N ALA A 106 2.98 -7.36 -37.25
CA ALA A 106 2.89 -6.35 -38.30
C ALA A 106 1.65 -5.46 -38.12
N THR A 107 0.51 -6.06 -37.79
CA THR A 107 -0.73 -5.30 -37.75
C THR A 107 -0.76 -4.38 -36.53
N LEU A 108 -0.24 -4.84 -35.40
CA LEU A 108 -0.23 -3.93 -34.24
C LEU A 108 0.82 -2.82 -34.42
N LEU A 109 1.98 -3.18 -34.97
CA LEU A 109 2.98 -2.15 -35.25
C LEU A 109 2.41 -1.11 -36.20
N ALA A 110 1.66 -1.54 -37.24
CA ALA A 110 1.04 -0.57 -38.14
C ALA A 110 0.10 0.37 -37.40
N ALA A 111 -0.73 -0.19 -36.52
CA ALA A 111 -1.72 0.64 -35.84
C ALA A 111 -1.04 1.55 -34.82
N MET A 112 -0.02 1.04 -34.11
CA MET A 112 0.72 1.83 -33.13
C MET A 112 1.48 2.97 -33.82
N LYS A 113 2.13 2.66 -34.95
CA LYS A 113 2.87 3.69 -35.67
C LYS A 113 1.93 4.72 -36.27
N ASN A 114 0.78 4.24 -36.77
CA ASN A 114 -0.20 5.16 -37.31
C ASN A 114 -0.70 6.12 -36.23
N HIS A 115 -0.91 5.60 -35.01
CA HIS A 115 -1.35 6.44 -33.91
C HIS A 115 -0.29 7.52 -33.68
N ILE A 116 0.97 7.09 -33.51
CA ILE A 116 2.02 8.03 -33.19
C ILE A 116 2.19 9.07 -34.28
N THR A 117 2.25 8.61 -35.53
CA THR A 117 2.58 9.54 -36.58
C THR A 117 1.49 10.62 -36.69
N ASN A 118 0.22 10.17 -36.64
CA ASN A 118 -0.88 11.12 -36.78
C ASN A 118 -0.90 12.11 -35.61
N VAL A 119 -0.74 11.64 -34.37
CA VAL A 119 -0.87 12.51 -33.23
C VAL A 119 0.33 13.47 -33.20
N VAL A 120 1.53 12.92 -33.42
CA VAL A 120 2.74 13.74 -33.28
C VAL A 120 2.80 14.75 -34.45
N THR A 121 2.36 14.33 -35.64
CA THR A 121 2.39 15.26 -36.77
C THR A 121 1.39 16.40 -36.50
N HIS A 122 0.20 16.05 -36.00
CA HIS A 122 -0.79 17.08 -35.71
C HIS A 122 -0.23 18.13 -34.76
N TYR A 123 0.51 17.68 -33.73
CA TYR A 123 1.04 18.61 -32.72
C TYR A 123 2.47 19.08 -33.04
N LYS A 124 2.95 18.86 -34.26
CA LYS A 124 4.34 19.18 -34.59
C LYS A 124 4.64 20.63 -34.26
N GLY A 125 5.69 20.84 -33.46
CA GLY A 125 6.13 22.20 -33.17
C GLY A 125 5.40 22.83 -31.99
N LYS A 126 4.38 22.17 -31.42
CA LYS A 126 3.58 22.77 -30.37
C LYS A 126 4.01 22.26 -28.99
N CYS A 127 4.85 21.22 -28.93
CA CYS A 127 5.12 20.53 -27.68
C CYS A 127 6.61 20.69 -27.36
N TYR A 128 6.94 21.02 -26.12
CA TYR A 128 8.32 20.95 -25.66
C TYR A 128 8.79 19.49 -25.63
N ALA A 129 7.92 18.60 -25.13
CA ALA A 129 8.25 17.20 -24.88
C ALA A 129 7.01 16.35 -25.15
N TRP A 130 7.24 15.09 -25.53
CA TRP A 130 6.21 14.05 -25.57
C TRP A 130 6.61 12.96 -24.57
N ASP A 131 5.64 12.50 -23.76
CA ASP A 131 5.80 11.21 -23.10
C ASP A 131 5.43 10.17 -24.14
N VAL A 132 6.45 9.53 -24.74
CA VAL A 132 6.23 8.67 -25.89
C VAL A 132 5.69 7.32 -25.42
N VAL A 133 6.38 6.78 -24.40
CA VAL A 133 5.96 5.53 -23.78
C VAL A 133 5.79 5.79 -22.30
N ASN A 134 4.66 5.29 -21.75
CA ASN A 134 4.29 5.53 -20.36
C ASN A 134 4.14 4.18 -19.67
N GLU A 135 4.80 4.02 -18.50
CA GLU A 135 4.53 2.93 -17.56
C GLU A 135 4.70 1.55 -18.23
N ALA A 136 5.85 1.34 -18.87
CA ALA A 136 6.05 0.08 -19.56
C ALA A 136 6.44 -1.04 -18.59
N LEU A 137 6.77 -0.69 -17.33
CA LEU A 137 7.36 -1.64 -16.38
C LEU A 137 6.38 -2.00 -15.26
N ASN A 138 6.42 -3.27 -14.84
CA ASN A 138 5.81 -3.63 -13.55
C ASN A 138 6.66 -3.19 -12.37
N GLU A 139 6.06 -3.29 -11.16
CA GLU A 139 6.77 -2.90 -9.96
C GLU A 139 8.08 -3.69 -9.73
N ASP A 140 8.15 -4.96 -10.17
CA ASP A 140 9.32 -5.78 -9.95
C ASP A 140 10.34 -5.68 -11.09
N GLY A 141 10.11 -4.72 -12.01
CA GLY A 141 11.11 -4.47 -13.03
C GLY A 141 10.92 -5.36 -14.26
N THR A 142 9.89 -6.22 -14.26
CA THR A 142 9.56 -6.92 -15.48
C THR A 142 8.83 -5.97 -16.45
N PHE A 143 8.83 -6.31 -17.73
CA PHE A 143 7.93 -5.60 -18.63
C PHE A 143 6.45 -5.87 -18.30
N ARG A 144 5.61 -4.82 -18.37
CA ARG A 144 4.18 -5.07 -18.24
C ARG A 144 3.71 -5.89 -19.43
N ASN A 145 2.81 -6.84 -19.11
CA ASN A 145 2.23 -7.74 -20.09
C ASN A 145 1.06 -7.07 -20.81
N SER A 146 1.32 -5.87 -21.31
CA SER A 146 0.39 -5.13 -22.16
C SER A 146 0.28 -5.79 -23.54
N VAL A 147 -0.73 -5.35 -24.30
CA VAL A 147 -0.91 -5.83 -25.66
C VAL A 147 0.36 -5.57 -26.49
N PHE A 148 1.02 -4.40 -26.31
CA PHE A 148 2.24 -4.12 -27.05
C PHE A 148 3.35 -5.12 -26.74
N TYR A 149 3.57 -5.41 -25.45
CA TYR A 149 4.66 -6.29 -25.09
C TYR A 149 4.33 -7.71 -25.57
N GLN A 150 3.08 -8.14 -25.37
CA GLN A 150 2.76 -9.52 -25.69
C GLN A 150 2.84 -9.80 -27.19
N ILE A 151 2.45 -8.82 -28.02
CA ILE A 151 2.43 -9.03 -29.46
C ILE A 151 3.77 -8.69 -30.12
N ILE A 152 4.37 -7.56 -29.73
CA ILE A 152 5.55 -7.06 -30.43
C ILE A 152 6.84 -7.48 -29.73
N GLY A 153 6.77 -7.60 -28.38
CA GLY A 153 7.97 -7.80 -27.59
C GLY A 153 8.60 -6.44 -27.29
N PRO A 154 9.75 -6.42 -26.59
CA PRO A 154 10.35 -5.14 -26.16
C PRO A 154 10.63 -4.09 -27.23
N ALA A 155 10.83 -4.54 -28.48
CA ALA A 155 11.12 -3.60 -29.56
C ALA A 155 10.02 -2.55 -29.70
N TYR A 156 8.81 -2.79 -29.17
CA TYR A 156 7.78 -1.78 -29.34
C TYR A 156 8.25 -0.43 -28.81
N ILE A 157 9.10 -0.45 -27.78
CA ILE A 157 9.50 0.76 -27.09
C ILE A 157 10.40 1.61 -27.99
N PRO A 158 11.56 1.11 -28.44
CA PRO A 158 12.37 1.88 -29.38
C PRO A 158 11.68 2.21 -30.70
N ILE A 159 10.83 1.31 -31.20
CA ILE A 159 10.09 1.65 -32.42
C ILE A 159 9.18 2.86 -32.18
N ALA A 160 8.51 2.92 -31.02
CA ALA A 160 7.64 4.07 -30.73
C ALA A 160 8.47 5.37 -30.71
N PHE A 161 9.64 5.33 -30.07
CA PHE A 161 10.51 6.49 -30.05
C PHE A 161 10.97 6.90 -31.45
N ALA A 162 11.38 5.92 -32.27
CA ALA A 162 11.85 6.21 -33.64
C ALA A 162 10.73 6.83 -34.47
N THR A 163 9.52 6.30 -34.28
CA THR A 163 8.37 6.77 -35.03
C THR A 163 8.07 8.21 -34.65
N ALA A 164 8.08 8.50 -33.33
CA ALA A 164 7.81 9.86 -32.88
C ALA A 164 8.87 10.82 -33.48
N ALA A 165 10.14 10.43 -33.45
CA ALA A 165 11.20 11.31 -33.92
C ALA A 165 11.07 11.57 -35.43
N ALA A 166 10.61 10.57 -36.17
CA ALA A 166 10.41 10.78 -37.61
C ALA A 166 9.34 11.84 -37.88
N ALA A 167 8.28 11.86 -37.06
CA ALA A 167 7.17 12.80 -37.24
C ALA A 167 7.51 14.20 -36.77
N ASP A 168 8.32 14.30 -35.71
CA ASP A 168 8.66 15.61 -35.14
C ASP A 168 10.08 15.46 -34.62
N PRO A 169 11.10 15.83 -35.44
CA PRO A 169 12.48 15.55 -35.08
C PRO A 169 13.03 16.35 -33.89
N ASP A 170 12.34 17.44 -33.51
CA ASP A 170 12.91 18.33 -32.50
C ASP A 170 12.24 18.24 -31.12
N VAL A 171 11.05 17.67 -31.01
CA VAL A 171 10.43 17.62 -29.70
C VAL A 171 11.23 16.65 -28.81
N LYS A 172 11.33 16.96 -27.51
CA LYS A 172 12.07 16.06 -26.63
C LYS A 172 11.23 14.80 -26.37
N LEU A 173 11.87 13.63 -26.46
CA LEU A 173 11.09 12.40 -26.35
C LEU A 173 11.39 11.76 -24.99
N TYR A 174 10.33 11.47 -24.23
CA TYR A 174 10.51 10.99 -22.85
C TYR A 174 9.87 9.61 -22.66
N TYR A 175 10.55 8.82 -21.82
CA TYR A 175 9.99 7.62 -21.19
C TYR A 175 9.51 8.08 -19.80
N ASN A 176 8.21 7.88 -19.51
CA ASN A 176 7.62 8.42 -18.28
C ASN A 176 7.11 7.26 -17.41
N ASP A 177 7.32 7.30 -16.07
CA ASP A 177 6.87 6.19 -15.20
C ASP A 177 6.80 6.69 -13.77
N TYR A 178 6.12 5.89 -12.92
CA TYR A 178 6.03 6.18 -11.48
C TYR A 178 6.83 5.12 -10.72
N ASN A 179 7.15 5.43 -9.44
CA ASN A 179 7.92 4.56 -8.56
C ASN A 179 9.32 4.27 -9.12
N ILE A 180 9.83 5.19 -9.98
CA ILE A 180 11.19 5.14 -10.47
C ILE A 180 12.00 6.29 -9.87
N GLU A 181 11.46 6.98 -8.85
CA GLU A 181 12.16 8.13 -8.28
C GLU A 181 13.06 7.80 -7.07
N TYR A 182 12.98 6.56 -6.61
CA TYR A 182 13.80 6.01 -5.53
C TYR A 182 14.46 4.74 -6.06
N SER A 183 15.54 4.33 -5.40
CA SER A 183 16.23 3.19 -5.98
C SER A 183 15.44 1.89 -5.76
N GLY A 184 15.66 0.95 -6.67
CA GLY A 184 14.95 -0.31 -6.61
C GLY A 184 14.98 -1.01 -7.96
N ALA A 185 14.38 -2.21 -8.04
CA ALA A 185 14.30 -2.93 -9.31
C ALA A 185 13.64 -2.07 -10.38
N LYS A 186 12.57 -1.31 -10.02
CA LYS A 186 11.86 -0.57 -11.07
C LYS A 186 12.70 0.57 -11.68
N ALA A 187 13.38 1.35 -10.83
CA ALA A 187 14.26 2.41 -11.30
C ALA A 187 15.43 1.81 -12.11
N THR A 188 15.96 0.66 -11.65
CA THR A 188 17.02 0.01 -12.40
C THR A 188 16.52 -0.36 -13.80
N ALA A 189 15.32 -0.94 -13.86
CA ALA A 189 14.72 -1.36 -15.13
C ALA A 189 14.49 -0.15 -16.04
N ALA A 190 14.11 0.98 -15.42
CA ALA A 190 13.90 2.21 -16.21
C ALA A 190 15.23 2.68 -16.82
N GLN A 191 16.33 2.61 -16.05
CA GLN A 191 17.66 2.85 -16.59
C GLN A 191 17.92 1.92 -17.78
N ASN A 192 17.59 0.63 -17.63
CA ASN A 192 17.87 -0.36 -18.67
C ASN A 192 17.03 -0.09 -19.93
N ILE A 193 15.79 0.39 -19.77
CA ILE A 193 14.99 0.83 -20.91
C ILE A 193 15.69 1.98 -21.64
N VAL A 194 16.24 2.97 -20.89
CA VAL A 194 16.98 4.04 -21.56
C VAL A 194 18.13 3.47 -22.40
N LYS A 195 18.94 2.63 -21.75
CA LYS A 195 20.07 2.03 -22.45
C LYS A 195 19.60 1.24 -23.66
N MET A 196 18.46 0.54 -23.53
CA MET A 196 18.00 -0.33 -24.61
C MET A 196 17.58 0.52 -25.83
N ILE A 197 16.90 1.65 -25.58
CA ILE A 197 16.47 2.48 -26.70
C ILE A 197 17.67 3.05 -27.44
N LYS A 198 18.64 3.50 -26.67
CA LYS A 198 19.84 4.14 -27.23
C LYS A 198 20.65 3.10 -27.99
N ALA A 199 20.72 1.88 -27.45
CA ALA A 199 21.42 0.80 -28.13
C ALA A 199 20.76 0.42 -29.46
N TYR A 200 19.41 0.43 -29.53
CA TYR A 200 18.64 0.20 -30.75
C TYR A 200 18.93 1.30 -31.78
N GLY A 201 19.39 2.45 -31.33
CA GLY A 201 19.67 3.55 -32.25
C GLY A 201 18.52 4.57 -32.36
N ALA A 202 17.52 4.47 -31.47
CA ALA A 202 16.39 5.40 -31.48
C ALA A 202 16.65 6.55 -30.51
N LYS A 203 16.01 7.70 -30.76
CA LYS A 203 16.23 8.93 -30.01
C LYS A 203 15.43 8.83 -28.71
N ILE A 204 16.11 8.98 -27.55
CA ILE A 204 15.39 9.25 -26.31
C ILE A 204 16.11 10.41 -25.61
N ASP A 205 15.37 11.48 -25.32
CA ASP A 205 15.95 12.69 -24.75
C ASP A 205 15.71 12.78 -23.24
N GLY A 206 14.68 12.11 -22.70
CA GLY A 206 14.34 12.38 -21.31
C GLY A 206 13.69 11.20 -20.57
N VAL A 207 13.85 11.25 -19.24
CA VAL A 207 13.08 10.37 -18.35
C VAL A 207 12.14 11.29 -17.57
N GLY A 208 10.85 10.89 -17.59
CA GLY A 208 9.84 11.58 -16.82
C GLY A 208 9.58 10.77 -15.56
N LEU A 209 9.69 11.44 -14.41
CA LEU A 209 9.49 10.80 -13.11
C LEU A 209 8.18 11.37 -12.55
N GLN A 210 7.13 10.53 -12.47
CA GLN A 210 5.80 11.08 -12.24
C GLN A 210 5.72 11.74 -10.85
N ALA A 211 6.31 11.11 -9.83
CA ALA A 211 6.40 11.74 -8.50
C ALA A 211 5.01 11.80 -7.86
N HIS A 212 4.26 10.66 -7.93
CA HIS A 212 3.04 10.58 -7.14
C HIS A 212 3.41 10.04 -5.77
N PHE A 213 3.63 10.94 -4.80
CA PHE A 213 4.20 10.55 -3.52
C PHE A 213 3.15 10.67 -2.40
N ILE A 214 3.54 10.23 -1.20
CA ILE A 214 2.62 10.24 -0.05
C ILE A 214 3.22 11.07 1.08
N VAL A 215 2.38 11.90 1.74
CA VAL A 215 2.90 12.82 2.75
C VAL A 215 3.48 11.95 3.87
N GLY A 216 4.72 12.26 4.29
CA GLY A 216 5.31 11.50 5.40
C GLY A 216 6.04 10.25 4.92
N SER A 217 5.88 9.91 3.63
CA SER A 217 6.54 8.74 3.06
C SER A 217 7.23 9.15 1.76
N THR A 218 7.58 10.43 1.62
CA THR A 218 8.15 10.91 0.37
C THR A 218 9.65 10.67 0.46
N PRO A 219 10.34 10.22 -0.62
CA PRO A 219 11.78 10.08 -0.58
C PRO A 219 12.44 11.41 -0.22
N SER A 220 13.55 11.31 0.53
CA SER A 220 14.30 12.50 0.92
C SER A 220 14.84 13.27 -0.27
N GLN A 221 15.17 14.54 -0.06
CA GLN A 221 15.83 15.33 -1.08
C GLN A 221 17.09 14.58 -1.56
N SER A 222 17.85 14.01 -0.61
CA SER A 222 19.11 13.35 -0.94
C SER A 222 18.89 12.11 -1.80
N ASP A 223 17.87 11.31 -1.44
CA ASP A 223 17.59 10.09 -2.21
C ASP A 223 17.13 10.49 -3.62
N LEU A 224 16.22 11.46 -3.67
CA LEU A 224 15.67 11.86 -4.97
C LEU A 224 16.79 12.35 -5.89
N THR A 225 17.69 13.19 -5.35
CA THR A 225 18.74 13.80 -6.14
C THR A 225 19.64 12.69 -6.71
N THR A 226 20.00 11.73 -5.83
CA THR A 226 20.87 10.63 -6.26
C THR A 226 20.28 9.87 -7.45
N VAL A 227 18.98 9.58 -7.36
CA VAL A 227 18.29 8.84 -8.39
C VAL A 227 18.20 9.67 -9.69
N LEU A 228 17.91 10.96 -9.60
CA LEU A 228 17.91 11.81 -10.80
C LEU A 228 19.23 11.71 -11.55
N LYS A 229 20.34 11.76 -10.78
CA LYS A 229 21.67 11.74 -11.38
C LYS A 229 22.00 10.39 -12.00
N GLY A 230 21.38 9.30 -11.51
CA GLY A 230 21.48 7.98 -12.12
C GLY A 230 20.92 7.96 -13.54
N TYR A 231 19.88 8.81 -13.79
CA TYR A 231 19.31 8.94 -15.14
C TYR A 231 20.14 9.88 -16.01
N THR A 232 20.52 11.06 -15.47
CA THR A 232 21.23 12.04 -16.27
C THR A 232 22.56 11.44 -16.74
N ALA A 233 23.13 10.55 -15.91
CA ALA A 233 24.37 9.88 -16.27
C ALA A 233 24.24 9.03 -17.53
N LEU A 234 23.01 8.67 -17.91
CA LEU A 234 22.81 7.85 -19.10
C LEU A 234 22.70 8.70 -20.37
N GLY A 235 22.72 10.03 -20.19
CA GLY A 235 22.62 10.95 -21.33
C GLY A 235 21.17 11.33 -21.66
N VAL A 236 20.34 11.55 -20.63
CA VAL A 236 19.01 12.08 -20.84
C VAL A 236 18.82 13.23 -19.87
N GLU A 237 17.90 14.16 -20.21
CA GLU A 237 17.41 15.12 -19.23
C GLU A 237 16.35 14.45 -18.37
N VAL A 238 15.94 15.13 -17.30
CA VAL A 238 14.92 14.53 -16.43
C VAL A 238 13.93 15.64 -16.08
N ALA A 239 12.69 15.23 -15.74
CA ALA A 239 11.72 16.18 -15.19
C ALA A 239 10.79 15.44 -14.23
N TYR A 240 10.29 16.16 -13.22
CA TYR A 240 9.20 15.60 -12.43
C TYR A 240 7.91 16.00 -13.14
N THR A 241 7.11 15.02 -13.54
CA THR A 241 6.10 15.27 -14.58
C THR A 241 4.68 15.29 -14.04
N GLU A 242 4.44 14.69 -12.85
CA GLU A 242 3.04 14.56 -12.38
C GLU A 242 2.99 14.72 -10.85
N LEU A 243 3.79 15.65 -10.32
CA LEU A 243 4.02 15.71 -8.88
C LEU A 243 2.72 15.99 -8.11
N ASP A 244 2.45 15.13 -7.14
CA ASP A 244 1.41 15.42 -6.15
C ASP A 244 1.75 14.58 -4.94
N ILE A 245 1.30 15.04 -3.76
CA ILE A 245 1.71 14.36 -2.55
C ILE A 245 0.45 14.17 -1.71
N LYS A 246 -0.23 13.04 -1.93
CA LYS A 246 -1.49 12.81 -1.23
C LYS A 246 -1.23 12.50 0.25
N MET A 247 -2.12 12.99 1.12
CA MET A 247 -1.98 12.70 2.55
C MET A 247 -3.12 11.77 3.00
N GLN A 248 -2.82 10.99 4.04
CA GLN A 248 -3.84 10.18 4.68
C GLN A 248 -4.81 11.13 5.37
N LEU A 249 -6.12 10.99 5.09
CA LEU A 249 -7.11 11.91 5.64
C LEU A 249 -7.44 11.49 7.07
N PRO A 250 -7.96 12.40 7.94
CA PRO A 250 -8.22 13.78 7.56
C PRO A 250 -6.98 14.67 7.58
N SER A 251 -7.02 15.80 6.87
CA SER A 251 -5.93 16.77 6.92
C SER A 251 -5.81 17.31 8.35
N THR A 252 -4.56 17.60 8.76
CA THR A 252 -4.25 18.21 10.04
C THR A 252 -3.10 19.17 9.82
N ALA A 253 -2.88 20.04 10.81
CA ALA A 253 -1.79 21.01 10.67
C ALA A 253 -0.43 20.35 10.52
N ALA A 254 -0.18 19.34 11.33
CA ALA A 254 1.06 18.56 11.27
C ALA A 254 1.19 17.93 9.88
N LYS A 255 0.12 17.38 9.30
CA LYS A 255 0.29 16.80 7.97
C LYS A 255 0.53 17.86 6.91
N LEU A 256 -0.13 19.02 7.04
CA LEU A 256 0.08 20.09 6.07
C LEU A 256 1.53 20.56 6.12
N ALA A 257 2.11 20.59 7.33
CA ALA A 257 3.50 21.02 7.49
C ALA A 257 4.47 19.97 6.92
N GLN A 258 4.18 18.70 7.16
CA GLN A 258 4.99 17.63 6.60
C GLN A 258 4.89 17.68 5.08
N GLN A 259 3.68 17.89 4.56
CA GLN A 259 3.50 17.96 3.11
C GLN A 259 4.37 19.08 2.53
N SER A 260 4.51 20.19 3.26
CA SER A 260 5.31 21.30 2.77
C SER A 260 6.78 20.87 2.67
N THR A 261 7.25 20.16 3.70
CA THR A 261 8.62 19.65 3.73
C THR A 261 8.83 18.68 2.56
N ASP A 262 7.83 17.84 2.33
CA ASP A 262 7.95 16.85 1.25
C ASP A 262 8.08 17.53 -0.11
N PHE A 263 7.20 18.49 -0.39
CA PHE A 263 7.22 19.20 -1.67
C PHE A 263 8.55 19.96 -1.78
N GLN A 264 9.02 20.53 -0.66
CA GLN A 264 10.26 21.31 -0.66
C GLN A 264 11.43 20.46 -1.16
N GLY A 265 11.49 19.22 -0.68
CA GLY A 265 12.58 18.31 -1.03
C GLY A 265 12.57 17.94 -2.51
N VAL A 266 11.37 17.82 -3.13
CA VAL A 266 11.29 17.43 -4.53
C VAL A 266 11.82 18.58 -5.41
N ALA A 267 11.36 19.81 -5.09
CA ALA A 267 11.80 20.99 -5.85
C ALA A 267 13.31 21.17 -5.69
N ALA A 268 13.82 20.99 -4.45
CA ALA A 268 15.25 21.16 -4.22
C ALA A 268 16.06 20.10 -4.97
N ALA A 269 15.54 18.84 -5.06
CA ALA A 269 16.29 17.80 -5.75
C ALA A 269 16.44 18.20 -7.22
N CYS A 270 15.35 18.70 -7.83
CA CYS A 270 15.43 19.10 -9.23
C CYS A 270 16.43 20.26 -9.42
N VAL A 271 16.36 21.25 -8.56
CA VAL A 271 17.20 22.44 -8.69
C VAL A 271 18.67 22.02 -8.52
N SER A 272 18.91 20.97 -7.73
CA SER A 272 20.25 20.48 -7.46
C SER A 272 20.85 19.68 -8.61
N THR A 273 20.01 19.29 -9.59
CA THR A 273 20.45 18.30 -10.58
C THR A 273 20.62 18.94 -11.96
N THR A 274 21.88 18.98 -12.43
CA THR A 274 22.09 19.45 -13.80
C THR A 274 21.29 18.54 -14.73
N GLY A 275 20.47 19.16 -15.61
CA GLY A 275 19.68 18.37 -16.56
C GLY A 275 18.24 18.09 -16.09
N CYS A 276 17.88 18.51 -14.87
CA CYS A 276 16.47 18.51 -14.48
C CYS A 276 15.82 19.80 -14.99
N VAL A 277 14.94 19.68 -16.00
CA VAL A 277 14.46 20.82 -16.76
C VAL A 277 13.22 21.43 -16.12
N GLY A 278 12.56 20.70 -15.21
CA GLY A 278 11.37 21.34 -14.66
C GLY A 278 10.52 20.39 -13.83
N VAL A 279 9.50 20.97 -13.18
CA VAL A 279 8.55 20.24 -12.35
C VAL A 279 7.17 20.64 -12.86
N THR A 280 6.29 19.63 -13.02
CA THR A 280 4.88 19.88 -13.32
C THR A 280 4.09 19.22 -12.19
N ILE A 281 3.20 19.98 -11.50
CA ILE A 281 2.31 19.37 -10.52
C ILE A 281 1.06 18.86 -11.24
N TRP A 282 0.43 17.81 -10.67
CA TRP A 282 -0.67 17.16 -11.35
C TRP A 282 -1.98 17.90 -11.01
N ASP A 283 -2.19 19.01 -11.75
CA ASP A 283 -3.12 20.07 -11.34
C ASP A 283 -2.56 20.81 -10.12
N TRP A 284 -3.27 21.87 -9.69
CA TRP A 284 -2.65 22.74 -8.69
C TRP A 284 -3.57 22.96 -7.47
N THR A 285 -4.88 22.66 -7.63
CA THR A 285 -5.89 22.78 -6.58
C THR A 285 -6.44 21.41 -6.18
N ASP A 286 -6.54 21.18 -4.87
CA ASP A 286 -7.12 19.92 -4.37
C ASP A 286 -8.50 19.61 -4.97
N LYS A 287 -9.25 20.64 -5.39
CA LYS A 287 -10.58 20.40 -5.96
C LYS A 287 -10.49 19.50 -7.19
N TYR A 288 -9.38 19.61 -7.93
CA TYR A 288 -9.25 18.82 -9.15
C TYR A 288 -8.08 17.85 -9.10
N SER A 289 -7.73 17.37 -7.90
CA SER A 289 -6.61 16.45 -7.76
C SER A 289 -7.06 15.05 -8.20
N TRP A 290 -6.08 14.22 -8.49
CA TRP A 290 -6.35 12.87 -9.00
C TRP A 290 -6.26 11.93 -7.79
N VAL A 291 -7.42 11.55 -7.29
CA VAL A 291 -7.45 10.61 -6.19
C VAL A 291 -8.49 9.55 -6.51
N PRO A 292 -8.12 8.55 -7.33
CA PRO A 292 -9.05 7.47 -7.71
C PRO A 292 -9.26 6.52 -6.54
N SER A 293 -10.25 5.62 -6.69
CA SER A 293 -10.73 4.78 -5.60
C SER A 293 -9.64 3.93 -4.92
N VAL A 294 -8.59 3.56 -5.66
CA VAL A 294 -7.56 2.72 -5.07
C VAL A 294 -6.85 3.51 -3.95
N PHE A 295 -6.94 4.85 -3.97
CA PHE A 295 -6.37 5.62 -2.87
C PHE A 295 -7.44 6.18 -1.93
N GLN A 296 -8.60 5.52 -1.85
CA GLN A 296 -9.59 5.99 -0.90
C GLN A 296 -8.93 6.10 0.48
N GLY A 297 -9.25 7.17 1.20
CA GLY A 297 -8.59 7.35 2.48
C GLY A 297 -7.47 8.39 2.40
N TYR A 298 -7.07 8.74 1.17
CA TYR A 298 -6.02 9.76 0.93
C TYR A 298 -6.65 10.98 0.26
N GLY A 299 -5.94 12.11 0.27
CA GLY A 299 -6.50 13.29 -0.39
C GLY A 299 -5.60 14.50 -0.18
N ALA A 300 -6.19 15.69 -0.35
CA ALA A 300 -5.55 17.00 -0.21
C ALA A 300 -4.11 17.03 -0.74
N PRO A 301 -3.84 16.67 -2.04
CA PRO A 301 -2.47 16.39 -2.47
C PRO A 301 -1.64 17.53 -3.04
N LEU A 302 -2.23 18.74 -3.07
CA LEU A 302 -1.65 19.76 -3.96
C LEU A 302 -1.36 21.07 -3.21
N PRO A 303 -0.67 22.06 -3.82
CA PRO A 303 -0.25 23.23 -3.05
C PRO A 303 -1.32 24.27 -2.80
N TRP A 304 -2.48 24.13 -3.46
CA TRP A 304 -3.64 24.99 -3.17
C TRP A 304 -4.79 24.10 -2.75
N ASP A 305 -5.70 24.62 -1.89
CA ASP A 305 -6.79 23.82 -1.39
C ASP A 305 -7.98 23.93 -2.35
N GLU A 306 -9.07 23.24 -1.99
CA GLU A 306 -10.23 23.11 -2.86
C GLU A 306 -10.92 24.44 -3.08
N ASN A 307 -10.53 25.46 -2.30
CA ASN A 307 -11.07 26.82 -2.39
C ASN A 307 -10.11 27.74 -3.14
N TYR A 308 -9.07 27.15 -3.74
CA TYR A 308 -8.07 27.87 -4.52
C TYR A 308 -7.20 28.72 -3.59
N VAL A 309 -7.08 28.33 -2.31
CA VAL A 309 -6.29 29.10 -1.36
C VAL A 309 -4.99 28.36 -1.06
N LYS A 310 -3.86 29.08 -1.05
CA LYS A 310 -2.57 28.42 -0.90
C LYS A 310 -2.51 27.65 0.41
N LYS A 311 -1.87 26.48 0.35
CA LYS A 311 -1.57 25.69 1.54
C LYS A 311 -0.07 25.87 1.87
N PRO A 312 0.44 25.34 3.01
CA PRO A 312 1.85 25.51 3.34
C PRO A 312 2.78 24.94 2.29
N ALA A 313 2.31 23.89 1.59
CA ALA A 313 3.12 23.34 0.50
C ALA A 313 3.53 24.36 -0.56
N TYR A 314 2.70 25.39 -0.82
CA TYR A 314 3.15 26.41 -1.77
C TYR A 314 4.49 27.03 -1.29
N ASP A 315 4.55 27.42 -0.02
CA ASP A 315 5.77 28.00 0.57
C ASP A 315 6.91 26.99 0.58
N GLY A 316 6.57 25.71 0.79
CA GLY A 316 7.61 24.67 0.75
C GLY A 316 8.23 24.57 -0.64
N LEU A 317 7.40 24.62 -1.68
CA LEU A 317 7.92 24.61 -3.05
C LEU A 317 8.80 25.85 -3.26
N MET A 318 8.33 27.04 -2.85
CA MET A 318 9.11 28.25 -3.05
C MET A 318 10.49 28.11 -2.39
N ALA A 319 10.49 27.56 -1.16
CA ALA A 319 11.75 27.37 -0.44
C ALA A 319 12.66 26.40 -1.18
N GLY A 320 12.07 25.31 -1.68
CA GLY A 320 12.84 24.31 -2.42
C GLY A 320 13.44 24.85 -3.73
N LEU A 321 12.77 25.86 -4.32
CA LEU A 321 13.23 26.53 -5.54
C LEU A 321 14.18 27.69 -5.20
N GLY A 322 14.47 27.83 -3.90
CA GLY A 322 15.44 28.83 -3.45
C GLY A 322 14.88 30.24 -3.39
N ALA A 323 13.54 30.36 -3.29
CA ALA A 323 12.84 31.65 -3.26
C ALA A 323 12.14 31.82 -1.91
N ALA B 5 -27.44 -10.06 25.01
CA ALA B 5 -27.61 -10.02 23.54
C ALA B 5 -26.62 -10.96 22.85
N GLY B 6 -25.31 -10.94 23.18
CA GLY B 6 -24.36 -11.78 22.43
C GLY B 6 -22.95 -11.76 23.03
N LEU B 7 -21.96 -12.32 22.31
CA LEU B 7 -20.65 -12.52 22.89
C LEU B 7 -19.97 -11.19 23.18
N ASN B 8 -20.12 -10.22 22.26
CA ASN B 8 -19.46 -8.94 22.41
C ASN B 8 -20.13 -8.14 23.54
N THR B 9 -21.47 -8.18 23.59
CA THR B 9 -22.11 -7.38 24.65
C THR B 9 -21.70 -7.96 26.00
N ALA B 10 -21.71 -9.30 26.09
CA ALA B 10 -21.39 -9.99 27.32
C ALA B 10 -19.97 -9.66 27.75
N ALA B 11 -19.02 -9.74 26.79
CA ALA B 11 -17.62 -9.42 27.06
C ALA B 11 -17.44 -7.99 27.58
N LYS B 12 -18.08 -7.01 26.92
CA LYS B 12 -17.87 -5.62 27.29
C LYS B 12 -18.49 -5.37 28.68
N ALA B 13 -19.54 -6.14 29.01
CA ALA B 13 -20.20 -5.94 30.28
C ALA B 13 -19.25 -6.37 31.41
N LYS B 14 -18.34 -7.30 31.12
CA LYS B 14 -17.35 -7.80 32.07
C LYS B 14 -16.07 -6.99 32.01
N GLY B 15 -16.01 -5.95 31.18
CA GLY B 15 -14.87 -5.05 31.17
C GLY B 15 -13.86 -5.37 30.06
N LEU B 16 -14.09 -6.43 29.25
CA LEU B 16 -13.27 -6.65 28.05
C LEU B 16 -13.54 -5.54 27.02
N LYS B 17 -12.55 -5.25 26.15
CA LYS B 17 -12.78 -4.28 25.10
C LYS B 17 -13.66 -4.85 23.99
N TYR B 18 -13.61 -6.17 23.76
CA TYR B 18 -14.33 -6.77 22.64
C TYR B 18 -14.41 -8.30 22.81
N PHE B 19 -15.39 -8.88 22.13
CA PHE B 19 -15.28 -10.22 21.60
C PHE B 19 -15.30 -10.09 20.07
N GLY B 20 -14.42 -10.79 19.36
CA GLY B 20 -14.40 -10.60 17.91
C GLY B 20 -14.08 -11.86 17.13
N SER B 21 -14.02 -11.68 15.80
CA SER B 21 -13.83 -12.79 14.89
C SER B 21 -12.85 -12.41 13.79
N ALA B 22 -12.03 -13.39 13.38
CA ALA B 22 -11.30 -13.24 12.13
C ALA B 22 -12.23 -13.54 10.95
N THR B 23 -11.82 -13.05 9.79
CA THR B 23 -12.53 -13.36 8.55
C THR B 23 -11.50 -13.43 7.42
N ASP B 24 -11.97 -13.68 6.19
CA ASP B 24 -11.09 -13.53 5.03
C ASP B 24 -11.91 -13.06 3.83
N ASN B 25 -11.24 -12.42 2.87
CA ASN B 25 -11.93 -11.74 1.79
C ASN B 25 -12.83 -12.67 0.99
N PRO B 26 -12.46 -13.95 0.71
CA PRO B 26 -13.36 -14.82 -0.07
C PRO B 26 -14.72 -15.08 0.56
N GLU B 27 -14.82 -14.86 1.88
CA GLU B 27 -16.09 -15.12 2.57
C GLU B 27 -17.05 -13.94 2.40
N LEU B 28 -16.55 -12.78 1.98
CA LEU B 28 -17.34 -11.56 2.03
C LEU B 28 -18.36 -11.52 0.88
N THR B 29 -18.33 -12.48 -0.06
CA THR B 29 -19.41 -12.51 -1.03
C THR B 29 -20.57 -13.37 -0.52
N ASP B 30 -20.42 -14.01 0.65
CA ASP B 30 -21.51 -14.79 1.22
C ASP B 30 -22.32 -13.85 2.10
N SER B 31 -23.46 -13.35 1.59
CA SER B 31 -24.14 -12.27 2.30
C SER B 31 -24.71 -12.75 3.64
N ALA B 32 -25.13 -14.03 3.73
CA ALA B 32 -25.63 -14.55 5.01
C ALA B 32 -24.50 -14.59 6.06
N TYR B 33 -23.33 -15.01 5.60
CA TYR B 33 -22.10 -15.02 6.42
C TYR B 33 -21.80 -13.61 6.90
N VAL B 34 -21.83 -12.64 5.99
CA VAL B 34 -21.46 -11.28 6.32
C VAL B 34 -22.46 -10.69 7.29
N ALA B 35 -23.76 -11.03 7.15
CA ALA B 35 -24.72 -10.46 8.08
C ALA B 35 -24.36 -10.79 9.54
N GLN B 36 -23.95 -12.03 9.80
CA GLN B 36 -23.63 -12.46 11.15
C GLN B 36 -22.26 -11.93 11.59
N LEU B 37 -21.29 -11.91 10.68
CA LEU B 37 -20.00 -11.26 11.01
C LEU B 37 -20.22 -9.82 11.45
N SER B 38 -21.23 -9.16 10.87
CA SER B 38 -21.49 -7.76 11.14
C SER B 38 -22.43 -7.57 12.32
N ASN B 39 -22.84 -8.66 12.99
CA ASN B 39 -23.68 -8.57 14.17
C ASN B 39 -22.83 -8.17 15.39
N THR B 40 -22.92 -6.90 15.80
CA THR B 40 -22.04 -6.33 16.80
C THR B 40 -22.47 -6.75 18.20
N ASP B 41 -23.62 -7.44 18.29
CA ASP B 41 -23.92 -8.07 19.56
C ASP B 41 -22.92 -9.20 19.83
N ASP B 42 -22.50 -9.89 18.77
CA ASP B 42 -21.55 -10.99 18.90
C ASP B 42 -20.12 -10.52 18.66
N PHE B 43 -19.88 -9.64 17.68
CA PHE B 43 -18.50 -9.32 17.30
C PHE B 43 -18.28 -7.82 17.29
N GLY B 44 -17.42 -7.34 18.20
CA GLY B 44 -17.08 -5.93 18.20
C GLY B 44 -15.71 -5.64 17.59
N GLN B 45 -15.10 -6.68 16.96
CA GLN B 45 -13.72 -6.58 16.48
C GLN B 45 -13.52 -7.64 15.39
N ILE B 46 -12.69 -7.28 14.41
CA ILE B 46 -12.39 -8.14 13.26
C ILE B 46 -10.88 -8.26 13.12
N THR B 47 -10.40 -9.45 12.68
CA THR B 47 -9.01 -9.63 12.25
C THR B 47 -9.03 -10.11 10.81
N PRO B 48 -8.23 -9.53 9.89
CA PRO B 48 -8.13 -10.10 8.56
C PRO B 48 -7.22 -11.33 8.64
N GLY B 49 -7.75 -12.50 8.22
CA GLY B 49 -6.99 -13.72 8.37
C GLY B 49 -5.77 -13.83 7.44
N ASN B 50 -5.80 -13.14 6.27
CA ASN B 50 -4.70 -13.26 5.30
C ASN B 50 -4.24 -11.93 4.67
N SER B 51 -5.15 -10.95 4.55
CA SER B 51 -4.88 -9.87 3.60
C SER B 51 -3.97 -8.77 4.16
N MET B 52 -3.46 -8.94 5.38
CA MET B 52 -2.46 -7.96 5.83
C MET B 52 -1.11 -8.64 6.07
N LYS B 53 -0.97 -9.94 5.70
CA LYS B 53 0.33 -10.63 5.83
C LYS B 53 1.32 -10.16 4.77
N TRP B 54 2.59 -10.56 4.92
CA TRP B 54 3.64 -9.99 4.08
C TRP B 54 3.46 -10.39 2.61
N ASP B 55 3.07 -11.63 2.32
CA ASP B 55 2.91 -12.02 0.92
C ASP B 55 1.83 -11.20 0.23
N ALA B 56 0.78 -10.84 0.99
CA ALA B 56 -0.37 -10.10 0.49
C ALA B 56 -0.02 -8.62 0.33
N THR B 57 0.80 -8.08 1.24
CA THR B 57 0.97 -6.63 1.25
C THR B 57 2.22 -6.12 0.53
N GLU B 58 3.27 -6.98 0.38
CA GLU B 58 4.50 -6.51 -0.24
C GLU B 58 4.95 -7.60 -1.22
N PRO B 59 4.20 -7.82 -2.32
CA PRO B 59 4.44 -8.98 -3.18
C PRO B 59 5.76 -8.92 -3.97
N SER B 60 6.32 -7.70 -4.13
CA SER B 60 7.68 -7.56 -4.62
C SER B 60 8.37 -6.50 -3.79
N GLN B 61 9.69 -6.49 -3.75
CA GLN B 61 10.37 -5.66 -2.74
C GLN B 61 10.00 -4.18 -2.94
N ASN B 62 9.58 -3.53 -1.85
CA ASN B 62 9.26 -2.12 -1.82
C ASN B 62 8.10 -1.78 -2.76
N SER B 63 7.21 -2.75 -3.01
CA SER B 63 5.99 -2.47 -3.74
C SER B 63 4.82 -3.01 -2.92
N PHE B 64 3.86 -2.15 -2.56
CA PHE B 64 2.86 -2.53 -1.56
C PHE B 64 1.47 -2.63 -2.17
N SER B 65 0.66 -3.49 -1.57
CA SER B 65 -0.65 -3.75 -2.11
C SER B 65 -1.67 -3.87 -0.96
N PHE B 66 -2.59 -2.90 -0.85
CA PHE B 66 -3.44 -2.82 0.32
C PHE B 66 -4.93 -2.99 0.01
N ALA B 67 -5.30 -3.29 -1.24
CA ALA B 67 -6.73 -3.27 -1.55
C ALA B 67 -7.52 -4.29 -0.73
N ASN B 68 -6.96 -5.49 -0.55
CA ASN B 68 -7.74 -6.52 0.13
C ASN B 68 -7.79 -6.27 1.64
N GLY B 69 -6.68 -5.75 2.17
CA GLY B 69 -6.69 -5.42 3.58
C GLY B 69 -7.66 -4.25 3.82
N ASP B 70 -7.65 -3.28 2.90
CA ASP B 70 -8.49 -2.11 3.10
C ASP B 70 -9.97 -2.48 3.04
N ALA B 71 -10.35 -3.50 2.23
CA ALA B 71 -11.76 -3.89 2.16
C ALA B 71 -12.24 -4.40 3.52
N VAL B 72 -11.35 -5.10 4.24
CA VAL B 72 -11.72 -5.63 5.53
C VAL B 72 -11.84 -4.47 6.50
N VAL B 73 -10.90 -3.50 6.45
CA VAL B 73 -10.96 -2.34 7.32
C VAL B 73 -12.26 -1.58 7.08
N ASN B 74 -12.62 -1.48 5.81
CA ASN B 74 -13.84 -0.76 5.44
C ASN B 74 -15.10 -1.43 5.98
N LEU B 75 -15.16 -2.78 5.97
CA LEU B 75 -16.28 -3.51 6.58
C LEU B 75 -16.34 -3.20 8.09
N ALA B 76 -15.18 -3.33 8.77
CA ALA B 76 -15.18 -3.05 10.21
C ALA B 76 -15.63 -1.62 10.49
N ASN B 77 -15.14 -0.66 9.69
CA ASN B 77 -15.45 0.75 9.90
C ASN B 77 -16.95 0.94 9.75
N LYS B 78 -17.54 0.32 8.73
CA LYS B 78 -18.97 0.45 8.47
C LYS B 78 -19.76 -0.07 9.68
N ASN B 79 -19.30 -1.17 10.28
CA ASN B 79 -19.98 -1.85 11.36
C ASN B 79 -19.71 -1.24 12.72
N GLY B 80 -18.70 -0.37 12.83
CA GLY B 80 -18.23 0.18 14.12
C GLY B 80 -17.47 -0.86 14.97
N GLN B 81 -16.77 -1.78 14.30
CA GLN B 81 -15.95 -2.81 14.93
C GLN B 81 -14.49 -2.33 14.92
N LEU B 82 -13.77 -2.68 15.98
CA LEU B 82 -12.32 -2.50 16.06
C LEU B 82 -11.64 -3.49 15.13
N MET B 83 -10.39 -3.17 14.76
CA MET B 83 -9.56 -4.03 13.92
C MET B 83 -8.40 -4.50 14.80
N ARG B 84 -7.99 -5.77 14.62
CA ARG B 84 -6.63 -6.14 15.00
C ARG B 84 -5.94 -6.44 13.67
N CYS B 85 -4.78 -5.83 13.48
CA CYS B 85 -4.02 -5.95 12.24
C CYS B 85 -2.98 -7.05 12.41
N HIS B 86 -2.84 -7.91 11.39
CA HIS B 86 -2.15 -9.17 11.55
C HIS B 86 -1.58 -9.53 10.17
N THR B 87 -0.26 -9.78 10.03
CA THR B 87 0.82 -9.69 11.03
C THR B 87 2.04 -9.18 10.27
N LEU B 88 2.95 -8.46 10.94
CA LEU B 88 4.04 -7.80 10.23
C LEU B 88 5.21 -8.75 9.94
N VAL B 89 5.87 -9.28 10.97
CA VAL B 89 7.06 -10.12 10.77
C VAL B 89 6.71 -11.55 11.17
N TRP B 90 6.75 -12.47 10.20
CA TRP B 90 6.40 -13.87 10.45
C TRP B 90 7.19 -14.71 9.44
N HIS B 91 7.55 -15.93 9.84
CA HIS B 91 8.34 -16.77 8.94
C HIS B 91 7.49 -17.46 7.86
N SER B 92 6.16 -17.46 8.03
N SER B 92 6.16 -17.48 8.03
CA SER B 92 5.26 -18.12 7.09
CA SER B 92 5.28 -18.11 7.06
C SER B 92 4.57 -17.07 6.22
C SER B 92 4.59 -17.06 6.20
N GLN B 93 4.09 -17.49 5.02
CA GLN B 93 3.42 -16.58 4.11
C GLN B 93 4.30 -15.36 3.80
N LEU B 94 5.61 -15.61 3.64
CA LEU B 94 6.47 -14.56 3.13
C LEU B 94 6.44 -14.66 1.61
N PRO B 95 6.61 -13.55 0.90
CA PRO B 95 6.85 -13.61 -0.55
C PRO B 95 8.22 -14.24 -0.80
N ASN B 96 8.33 -14.85 -1.99
CA ASN B 96 9.55 -15.60 -2.33
C ASN B 96 10.77 -14.68 -2.30
N TRP B 97 10.59 -13.39 -2.60
CA TRP B 97 11.73 -12.48 -2.62
C TRP B 97 12.37 -12.33 -1.23
N VAL B 98 11.57 -12.53 -0.17
CA VAL B 98 12.20 -12.57 1.14
C VAL B 98 12.86 -13.94 1.39
N SER B 99 12.07 -15.01 1.27
CA SER B 99 12.51 -16.36 1.61
C SER B 99 13.76 -16.80 0.85
N SER B 100 13.83 -16.44 -0.44
CA SER B 100 14.87 -16.96 -1.30
C SER B 100 15.81 -15.81 -1.70
N GLY B 101 15.70 -14.69 -0.98
CA GLY B 101 16.55 -13.55 -1.24
C GLY B 101 17.99 -13.77 -0.76
N SER B 102 18.90 -12.98 -1.34
CA SER B 102 20.27 -12.96 -0.87
C SER B 102 20.43 -11.76 0.07
N TRP B 103 20.69 -12.02 1.34
CA TRP B 103 20.64 -10.95 2.33
C TRP B 103 21.95 -10.92 3.10
N THR B 104 22.29 -9.75 3.62
CA THR B 104 23.16 -9.60 4.79
C THR B 104 22.26 -9.19 5.95
N ASN B 105 22.85 -9.19 7.14
CA ASN B 105 22.24 -8.61 8.32
C ASN B 105 21.65 -7.24 7.97
N ALA B 106 22.48 -6.35 7.41
CA ALA B 106 22.04 -4.99 7.17
C ALA B 106 20.92 -4.91 6.15
N THR B 107 21.03 -5.64 5.03
CA THR B 107 20.02 -5.51 3.98
C THR B 107 18.68 -6.13 4.36
N LEU B 108 18.72 -7.26 5.10
CA LEU B 108 17.44 -7.87 5.45
C LEU B 108 16.78 -7.02 6.55
N LEU B 109 17.57 -6.47 7.47
CA LEU B 109 17.02 -5.60 8.50
C LEU B 109 16.39 -4.39 7.83
N ALA B 110 17.07 -3.88 6.80
CA ALA B 110 16.52 -2.72 6.09
C ALA B 110 15.18 -3.06 5.43
N ALA B 111 15.11 -4.25 4.81
CA ALA B 111 13.90 -4.65 4.10
C ALA B 111 12.76 -4.89 5.11
N MET B 112 13.09 -5.49 6.25
CA MET B 112 12.10 -5.76 7.31
C MET B 112 11.57 -4.43 7.85
N LYS B 113 12.49 -3.49 8.15
CA LYS B 113 12.01 -2.21 8.64
C LYS B 113 11.12 -1.52 7.62
N ASN B 114 11.52 -1.58 6.37
CA ASN B 114 10.76 -0.91 5.33
C ASN B 114 9.37 -1.51 5.23
N HIS B 115 9.29 -2.85 5.34
CA HIS B 115 8.00 -3.52 5.34
C HIS B 115 7.11 -2.94 6.44
N ILE B 116 7.64 -2.93 7.66
CA ILE B 116 6.89 -2.46 8.81
C ILE B 116 6.45 -1.02 8.63
N THR B 117 7.40 -0.12 8.30
CA THR B 117 7.04 1.29 8.25
C THR B 117 5.91 1.51 7.23
N ASN B 118 6.05 0.87 6.06
CA ASN B 118 5.06 1.13 5.04
C ASN B 118 3.69 0.60 5.44
N VAL B 119 3.66 -0.63 6.03
CA VAL B 119 2.36 -1.24 6.27
C VAL B 119 1.69 -0.58 7.47
N VAL B 120 2.44 -0.39 8.55
CA VAL B 120 1.90 0.28 9.72
C VAL B 120 1.48 1.72 9.37
N THR B 121 2.30 2.44 8.60
CA THR B 121 1.96 3.81 8.25
C THR B 121 0.65 3.83 7.45
N HIS B 122 0.49 2.91 6.49
CA HIS B 122 -0.73 2.89 5.68
C HIS B 122 -1.99 2.76 6.52
N TYR B 123 -1.92 1.93 7.57
CA TYR B 123 -3.07 1.65 8.43
C TYR B 123 -3.07 2.50 9.70
N LYS B 124 -2.28 3.56 9.76
CA LYS B 124 -2.20 4.39 10.98
C LYS B 124 -3.60 4.83 11.38
N GLY B 125 -3.90 4.66 12.68
CA GLY B 125 -5.17 5.06 13.26
C GLY B 125 -6.32 4.13 12.89
N LYS B 126 -6.03 3.03 12.18
CA LYS B 126 -7.13 2.15 11.80
C LYS B 126 -7.19 0.89 12.64
N CYS B 127 -6.12 0.60 13.42
CA CYS B 127 -5.94 -0.69 14.07
C CYS B 127 -5.95 -0.47 15.58
N TYR B 128 -6.68 -1.29 16.34
CA TYR B 128 -6.51 -1.28 17.80
C TYR B 128 -5.12 -1.82 18.15
N ALA B 129 -4.73 -2.91 17.47
CA ALA B 129 -3.48 -3.59 17.78
C ALA B 129 -2.85 -4.10 16.49
N TRP B 130 -1.52 -4.28 16.54
CA TRP B 130 -0.79 -5.02 15.53
C TRP B 130 -0.14 -6.24 16.15
N ASP B 131 -0.22 -7.39 15.44
CA ASP B 131 0.70 -8.49 15.73
C ASP B 131 2.04 -8.17 15.03
N VAL B 132 2.98 -7.56 15.75
CA VAL B 132 4.21 -7.06 15.13
C VAL B 132 5.12 -8.23 14.77
N VAL B 133 5.36 -9.13 15.74
CA VAL B 133 6.16 -10.33 15.47
C VAL B 133 5.28 -11.51 15.89
N ASN B 134 5.24 -12.52 15.03
CA ASN B 134 4.39 -13.70 15.19
C ASN B 134 5.32 -14.92 15.21
N GLU B 135 5.15 -15.76 16.25
CA GLU B 135 5.76 -17.10 16.27
C GLU B 135 7.28 -17.07 16.19
N ALA B 136 7.94 -16.33 17.08
CA ALA B 136 9.39 -16.21 17.00
C ALA B 136 10.10 -17.32 17.77
N LEU B 137 9.34 -18.23 18.39
CA LEU B 137 9.94 -19.24 19.28
C LEU B 137 9.69 -20.65 18.75
N ASN B 138 10.65 -21.55 18.98
CA ASN B 138 10.42 -23.00 18.89
C ASN B 138 9.75 -23.47 20.17
N GLU B 139 9.34 -24.75 20.21
CA GLU B 139 8.52 -25.32 21.28
C GLU B 139 9.31 -25.49 22.58
N ASP B 140 10.65 -25.53 22.48
CA ASP B 140 11.52 -25.71 23.61
C ASP B 140 12.00 -24.35 24.14
N GLY B 141 11.45 -23.27 23.58
CA GLY B 141 11.77 -21.93 24.06
C GLY B 141 13.07 -21.37 23.45
N THR B 142 13.66 -22.08 22.47
CA THR B 142 14.73 -21.49 21.67
C THR B 142 14.12 -20.52 20.65
N PHE B 143 14.94 -19.62 20.11
CA PHE B 143 14.48 -18.80 18.98
C PHE B 143 14.18 -19.65 17.74
N ARG B 144 13.03 -19.35 17.09
CA ARG B 144 12.73 -19.97 15.82
C ARG B 144 13.80 -19.59 14.80
N ASN B 145 14.25 -20.60 14.05
CA ASN B 145 15.37 -20.43 13.09
C ASN B 145 14.88 -19.90 11.74
N SER B 146 14.12 -18.80 11.79
CA SER B 146 13.62 -18.14 10.59
C SER B 146 14.74 -17.41 9.90
N VAL B 147 14.47 -16.94 8.67
CA VAL B 147 15.47 -16.11 8.00
C VAL B 147 15.87 -14.88 8.82
N PHE B 148 14.91 -14.29 9.54
CA PHE B 148 15.19 -13.09 10.34
C PHE B 148 16.17 -13.44 11.45
N TYR B 149 15.93 -14.55 12.13
CA TYR B 149 16.78 -14.91 13.25
C TYR B 149 18.18 -15.27 12.74
N GLN B 150 18.24 -16.06 11.67
CA GLN B 150 19.54 -16.56 11.26
C GLN B 150 20.41 -15.44 10.70
N ILE B 151 19.79 -14.44 10.05
CA ILE B 151 20.51 -13.43 9.28
C ILE B 151 20.73 -12.18 10.13
N ILE B 152 19.70 -11.75 10.87
CA ILE B 152 19.79 -10.52 11.65
C ILE B 152 20.22 -10.83 13.08
N GLY B 153 19.79 -11.97 13.62
CA GLY B 153 20.01 -12.27 15.01
C GLY B 153 18.80 -11.80 15.82
N PRO B 154 18.80 -12.01 17.14
CA PRO B 154 17.64 -11.71 17.98
C PRO B 154 17.18 -10.25 18.02
N ALA B 155 18.07 -9.30 17.65
CA ALA B 155 17.70 -7.87 17.64
C ALA B 155 16.57 -7.62 16.64
N TYR B 156 16.29 -8.54 15.71
CA TYR B 156 15.20 -8.23 14.75
C TYR B 156 13.91 -8.01 15.53
N ILE B 157 13.78 -8.66 16.68
CA ILE B 157 12.53 -8.63 17.42
C ILE B 157 12.27 -7.24 18.02
N PRO B 158 13.16 -6.70 18.88
CA PRO B 158 12.91 -5.35 19.40
C PRO B 158 12.94 -4.28 18.30
N ILE B 159 13.78 -4.46 17.27
CA ILE B 159 13.84 -3.45 16.22
C ILE B 159 12.49 -3.45 15.49
N ALA B 160 11.85 -4.62 15.31
CA ALA B 160 10.53 -4.61 14.69
C ALA B 160 9.52 -3.75 15.50
N PHE B 161 9.53 -3.94 16.82
CA PHE B 161 8.63 -3.19 17.69
C PHE B 161 8.95 -1.70 17.63
N ALA B 162 10.22 -1.32 17.77
CA ALA B 162 10.60 0.10 17.68
C ALA B 162 10.18 0.73 16.34
N THR B 163 10.29 -0.02 15.24
CA THR B 163 9.94 0.50 13.93
C THR B 163 8.44 0.73 13.83
N ALA B 164 7.65 -0.23 14.34
CA ALA B 164 6.21 -0.10 14.29
C ALA B 164 5.80 1.09 15.17
N ALA B 165 6.47 1.24 16.33
CA ALA B 165 6.05 2.30 17.26
C ALA B 165 6.28 3.68 16.66
N ALA B 166 7.35 3.79 15.87
CA ALA B 166 7.67 5.07 15.24
C ALA B 166 6.63 5.42 14.18
N ALA B 167 6.08 4.39 13.51
CA ALA B 167 5.18 4.59 12.36
C ALA B 167 3.77 4.90 12.85
N ASP B 168 3.39 4.32 14.00
CA ASP B 168 2.07 4.54 14.57
C ASP B 168 2.20 4.45 16.08
N PRO B 169 2.39 5.60 16.77
CA PRO B 169 2.65 5.58 18.20
C PRO B 169 1.49 5.14 19.07
N ASP B 170 0.27 5.07 18.51
CA ASP B 170 -0.94 4.87 19.29
C ASP B 170 -1.41 3.43 19.30
N VAL B 171 -1.09 2.65 18.25
CA VAL B 171 -1.59 1.29 18.18
C VAL B 171 -0.90 0.40 19.23
N LYS B 172 -1.65 -0.57 19.78
CA LYS B 172 -1.03 -1.49 20.71
C LYS B 172 -0.15 -2.48 19.94
N LEU B 173 1.10 -2.66 20.41
CA LEU B 173 2.02 -3.52 19.68
C LEU B 173 2.11 -4.87 20.40
N TYR B 174 1.73 -5.95 19.70
CA TYR B 174 1.71 -7.27 20.35
C TYR B 174 2.80 -8.21 19.83
N TYR B 175 3.28 -9.08 20.75
CA TYR B 175 4.03 -10.28 20.34
C TYR B 175 2.99 -11.43 20.33
N ASN B 176 2.84 -12.16 19.21
CA ASN B 176 1.74 -13.15 19.10
C ASN B 176 2.34 -14.54 18.90
N ASP B 177 1.82 -15.59 19.58
CA ASP B 177 2.39 -16.92 19.44
C ASP B 177 1.37 -17.96 19.88
N TYR B 178 1.64 -19.23 19.55
CA TYR B 178 0.84 -20.34 20.02
C TYR B 178 1.68 -21.20 20.97
N ASN B 179 0.99 -22.06 21.75
CA ASN B 179 1.62 -22.95 22.73
C ASN B 179 2.32 -22.14 23.84
N ILE B 180 1.91 -20.87 23.99
CA ILE B 180 2.38 -19.98 25.06
C ILE B 180 1.24 -19.73 26.06
N GLU B 181 0.15 -20.52 26.01
CA GLU B 181 -1.04 -20.23 26.80
C GLU B 181 -1.03 -21.06 28.08
N TYR B 182 -0.12 -22.02 28.14
CA TYR B 182 -0.03 -22.93 29.29
C TYR B 182 1.41 -22.96 29.79
N SER B 183 1.60 -23.35 31.05
CA SER B 183 2.94 -23.15 31.54
C SER B 183 3.89 -24.16 30.90
N GLY B 184 5.12 -23.74 30.69
CA GLY B 184 6.03 -24.54 29.91
C GLY B 184 7.21 -23.71 29.44
N ALA B 185 8.14 -24.36 28.73
CA ALA B 185 9.35 -23.68 28.29
C ALA B 185 8.99 -22.55 27.29
N LYS B 186 7.99 -22.79 26.46
CA LYS B 186 7.68 -21.77 25.43
C LYS B 186 7.09 -20.50 26.08
N ALA B 187 6.13 -20.66 26.98
CA ALA B 187 5.57 -19.52 27.69
C ALA B 187 6.65 -18.77 28.49
N THR B 188 7.54 -19.50 29.19
CA THR B 188 8.66 -18.81 29.84
C THR B 188 9.51 -18.00 28.84
N ALA B 189 9.84 -18.59 27.68
CA ALA B 189 10.60 -17.88 26.67
C ALA B 189 9.85 -16.65 26.15
N ALA B 190 8.51 -16.74 26.08
CA ALA B 190 7.71 -15.58 25.62
C ALA B 190 7.79 -14.47 26.66
N GLN B 191 7.76 -14.84 27.95
CA GLN B 191 7.96 -13.80 29.00
C GLN B 191 9.34 -13.18 28.80
N ASN B 192 10.34 -14.02 28.52
CA ASN B 192 11.68 -13.48 28.30
C ASN B 192 11.77 -12.55 27.09
N ILE B 193 11.03 -12.84 26.01
CA ILE B 193 10.99 -11.95 24.84
C ILE B 193 10.38 -10.59 25.25
N VAL B 194 9.27 -10.61 26.00
CA VAL B 194 8.74 -9.34 26.51
C VAL B 194 9.84 -8.56 27.26
N LYS B 195 10.52 -9.27 28.18
CA LYS B 195 11.51 -8.60 29.01
C LYS B 195 12.63 -8.02 28.14
N MET B 196 13.01 -8.78 27.10
CA MET B 196 14.10 -8.42 26.22
C MET B 196 13.77 -7.17 25.39
N ILE B 197 12.55 -7.11 24.86
CA ILE B 197 12.09 -5.95 24.11
C ILE B 197 12.12 -4.72 25.00
N LYS B 198 11.60 -4.86 26.23
CA LYS B 198 11.62 -3.72 27.15
C LYS B 198 13.04 -3.31 27.49
N ALA B 199 13.91 -4.29 27.76
CA ALA B 199 15.28 -3.97 28.16
C ALA B 199 16.02 -3.21 27.06
N TYR B 200 15.70 -3.52 25.79
CA TYR B 200 16.26 -2.89 24.59
C TYR B 200 15.80 -1.43 24.45
N GLY B 201 14.67 -1.10 25.08
CA GLY B 201 14.09 0.24 25.09
C GLY B 201 13.00 0.42 24.03
N ALA B 202 12.52 -0.69 23.44
CA ALA B 202 11.40 -0.64 22.49
C ALA B 202 10.04 -0.86 23.19
N LYS B 203 8.97 -0.31 22.58
CA LYS B 203 7.61 -0.37 23.09
C LYS B 203 7.02 -1.76 22.78
N ILE B 204 6.49 -2.43 23.81
CA ILE B 204 5.63 -3.61 23.60
C ILE B 204 4.47 -3.49 24.56
N ASP B 205 3.25 -3.60 24.00
CA ASP B 205 2.05 -3.34 24.75
C ASP B 205 1.31 -4.60 25.17
N GLY B 206 1.47 -5.68 24.38
CA GLY B 206 0.59 -6.82 24.51
C GLY B 206 1.26 -8.16 24.13
N VAL B 207 0.78 -9.24 24.75
CA VAL B 207 1.04 -10.61 24.32
C VAL B 207 -0.28 -11.17 23.81
N GLY B 208 -0.18 -11.71 22.59
CA GLY B 208 -1.27 -12.39 21.92
C GLY B 208 -1.06 -13.89 22.06
N LEU B 209 -2.11 -14.54 22.55
CA LEU B 209 -2.11 -15.98 22.82
C LEU B 209 -3.07 -16.59 21.82
N GLN B 210 -2.55 -17.32 20.82
CA GLN B 210 -3.38 -17.74 19.70
C GLN B 210 -4.51 -18.66 20.14
N ALA B 211 -4.25 -19.62 21.05
CA ALA B 211 -5.30 -20.48 21.58
C ALA B 211 -5.94 -21.37 20.50
N HIS B 212 -5.09 -21.97 19.66
CA HIS B 212 -5.53 -23.09 18.83
C HIS B 212 -5.48 -24.37 19.65
N PHE B 213 -6.59 -24.71 20.29
CA PHE B 213 -6.57 -25.81 21.27
C PHE B 213 -7.27 -27.04 20.66
N ILE B 214 -7.24 -28.15 21.39
CA ILE B 214 -7.88 -29.40 20.97
C ILE B 214 -8.92 -29.81 22.00
N VAL B 215 -10.08 -30.25 21.51
CA VAL B 215 -11.14 -30.72 22.40
C VAL B 215 -10.63 -31.88 23.26
N GLY B 216 -10.75 -31.72 24.57
CA GLY B 216 -10.35 -32.79 25.47
C GLY B 216 -8.90 -32.66 25.90
N SER B 217 -8.14 -31.80 25.21
CA SER B 217 -6.75 -31.50 25.54
C SER B 217 -6.54 -30.01 25.80
N THR B 218 -7.59 -29.26 26.17
CA THR B 218 -7.47 -27.83 26.40
C THR B 218 -6.86 -27.61 27.78
N PRO B 219 -5.92 -26.66 27.96
CA PRO B 219 -5.37 -26.42 29.30
C PRO B 219 -6.47 -26.04 30.29
N SER B 220 -6.19 -26.32 31.56
CA SER B 220 -7.17 -26.06 32.60
C SER B 220 -7.32 -24.55 32.78
N GLN B 221 -8.50 -24.17 33.26
CA GLN B 221 -8.79 -22.77 33.51
C GLN B 221 -7.71 -22.16 34.41
N SER B 222 -7.27 -22.93 35.45
CA SER B 222 -6.28 -22.33 36.34
C SER B 222 -4.94 -22.17 35.64
N ASP B 223 -4.50 -23.17 34.84
CA ASP B 223 -3.28 -23.05 34.03
C ASP B 223 -3.37 -21.80 33.14
N LEU B 224 -4.50 -21.68 32.39
CA LEU B 224 -4.62 -20.55 31.48
C LEU B 224 -4.49 -19.20 32.21
N THR B 225 -5.19 -19.10 33.33
CA THR B 225 -5.25 -17.87 34.10
C THR B 225 -3.86 -17.54 34.65
N THR B 226 -3.17 -18.54 35.20
CA THR B 226 -1.83 -18.31 35.72
C THR B 226 -0.93 -17.74 34.62
N VAL B 227 -1.05 -18.31 33.42
CA VAL B 227 -0.17 -17.87 32.35
C VAL B 227 -0.50 -16.45 31.91
N LEU B 228 -1.81 -16.12 31.84
CA LEU B 228 -2.16 -14.75 31.47
C LEU B 228 -1.54 -13.77 32.45
N LYS B 229 -1.64 -14.10 33.74
CA LYS B 229 -1.18 -13.21 34.79
C LYS B 229 0.34 -13.14 34.82
N GLY B 230 1.00 -14.18 34.32
CA GLY B 230 2.44 -14.20 34.14
C GLY B 230 2.89 -13.14 33.14
N TYR B 231 2.06 -12.87 32.11
CA TYR B 231 2.39 -11.79 31.17
C TYR B 231 1.99 -10.42 31.71
N THR B 232 0.75 -10.30 32.21
CA THR B 232 0.34 -9.00 32.74
C THR B 232 1.30 -8.50 33.83
N ALA B 233 1.94 -9.41 34.56
CA ALA B 233 2.86 -8.96 35.60
C ALA B 233 4.08 -8.27 35.01
N LEU B 234 4.33 -8.42 33.70
CA LEU B 234 5.43 -7.72 33.04
C LEU B 234 5.04 -6.35 32.51
N GLY B 235 3.77 -5.99 32.65
CA GLY B 235 3.32 -4.64 32.30
C GLY B 235 2.76 -4.59 30.89
N VAL B 236 2.27 -5.74 30.38
CA VAL B 236 1.58 -5.72 29.10
C VAL B 236 0.14 -6.15 29.32
N GLU B 237 -0.70 -5.83 28.33
CA GLU B 237 -2.03 -6.42 28.26
C GLU B 237 -1.93 -7.77 27.56
N VAL B 238 -3.03 -8.55 27.62
CA VAL B 238 -3.06 -9.84 26.93
C VAL B 238 -4.36 -9.95 26.14
N ALA B 239 -4.41 -10.88 25.16
CA ALA B 239 -5.67 -11.21 24.51
C ALA B 239 -5.53 -12.58 23.90
N TYR B 240 -6.65 -13.33 23.84
CA TYR B 240 -6.64 -14.56 23.05
C TYR B 240 -6.98 -14.13 21.62
N THR B 241 -6.12 -14.47 20.66
CA THR B 241 -6.15 -13.80 19.35
C THR B 241 -6.68 -14.68 18.21
N GLU B 242 -6.66 -16.02 18.37
CA GLU B 242 -6.98 -16.91 17.26
C GLU B 242 -7.74 -18.13 17.78
N LEU B 243 -8.66 -17.92 18.73
CA LEU B 243 -9.20 -19.06 19.48
C LEU B 243 -10.01 -19.96 18.55
N ASP B 244 -9.67 -21.25 18.59
CA ASP B 244 -10.55 -22.29 18.04
C ASP B 244 -10.17 -23.61 18.72
N ILE B 245 -11.12 -24.55 18.73
CA ILE B 245 -10.87 -25.77 19.48
C ILE B 245 -11.26 -26.96 18.61
N LYS B 246 -10.31 -27.41 17.78
CA LYS B 246 -10.64 -28.48 16.84
C LYS B 246 -10.87 -29.78 17.61
N MET B 247 -11.73 -30.65 17.05
CA MET B 247 -11.99 -31.92 17.72
C MET B 247 -11.63 -33.07 16.78
N GLN B 248 -11.18 -34.19 17.36
CA GLN B 248 -11.00 -35.40 16.59
C GLN B 248 -12.37 -35.89 16.14
N LEU B 249 -12.51 -36.13 14.85
CA LEU B 249 -13.83 -36.44 14.33
C LEU B 249 -14.06 -37.94 14.47
N PRO B 250 -15.31 -38.41 14.30
CA PRO B 250 -16.43 -37.53 13.97
C PRO B 250 -17.00 -36.87 15.22
N SER B 251 -17.82 -35.83 15.03
CA SER B 251 -18.48 -35.15 16.12
C SER B 251 -19.41 -36.11 16.84
N THR B 252 -19.57 -35.91 18.15
CA THR B 252 -20.55 -36.60 18.96
C THR B 252 -21.13 -35.59 19.94
N ALA B 253 -22.23 -35.94 20.59
CA ALA B 253 -22.84 -35.03 21.55
C ALA B 253 -21.85 -34.78 22.68
N ALA B 254 -21.16 -35.85 23.09
CA ALA B 254 -20.22 -35.82 24.21
C ALA B 254 -19.04 -34.89 23.87
N LYS B 255 -18.59 -34.95 22.61
CA LYS B 255 -17.45 -34.14 22.17
C LYS B 255 -17.84 -32.67 22.08
N LEU B 256 -19.08 -32.40 21.65
CA LEU B 256 -19.57 -31.04 21.54
C LEU B 256 -19.69 -30.45 22.94
N ALA B 257 -20.03 -31.31 23.89
CA ALA B 257 -20.17 -30.85 25.27
C ALA B 257 -18.80 -30.54 25.88
N GLN B 258 -17.83 -31.42 25.67
CA GLN B 258 -16.45 -31.23 26.13
C GLN B 258 -15.91 -29.95 25.45
N GLN B 259 -16.21 -29.78 24.16
CA GLN B 259 -15.82 -28.54 23.47
C GLN B 259 -16.39 -27.30 24.14
N SER B 260 -17.67 -27.33 24.57
CA SER B 260 -18.26 -26.19 25.26
C SER B 260 -17.47 -25.90 26.55
N THR B 261 -17.15 -26.97 27.31
CA THR B 261 -16.41 -26.80 28.55
C THR B 261 -15.07 -26.10 28.29
N ASP B 262 -14.41 -26.54 27.23
CA ASP B 262 -13.08 -26.05 26.86
C ASP B 262 -13.17 -24.58 26.52
N PHE B 263 -14.16 -24.21 25.69
CA PHE B 263 -14.37 -22.80 25.35
C PHE B 263 -14.65 -21.94 26.58
N GLN B 264 -15.52 -22.47 27.48
CA GLN B 264 -15.90 -21.72 28.66
C GLN B 264 -14.65 -21.34 29.47
N GLY B 265 -13.72 -22.30 29.62
CA GLY B 265 -12.49 -22.17 30.40
C GLY B 265 -11.64 -21.01 29.89
N VAL B 266 -11.55 -20.91 28.55
CA VAL B 266 -10.77 -19.84 27.92
C VAL B 266 -11.41 -18.47 28.25
N ALA B 267 -12.71 -18.32 27.99
CA ALA B 267 -13.39 -17.06 28.24
C ALA B 267 -13.27 -16.66 29.71
N ALA B 268 -13.45 -17.64 30.61
CA ALA B 268 -13.39 -17.33 32.04
C ALA B 268 -11.98 -16.93 32.48
N ALA B 269 -10.92 -17.54 31.89
CA ALA B 269 -9.55 -17.18 32.22
C ALA B 269 -9.31 -15.71 31.86
N CYS B 270 -9.87 -15.28 30.69
CA CYS B 270 -9.70 -13.89 30.27
C CYS B 270 -10.44 -12.97 31.26
N VAL B 271 -11.67 -13.33 31.62
CA VAL B 271 -12.49 -12.45 32.47
C VAL B 271 -11.85 -12.34 33.87
N SER B 272 -11.13 -13.37 34.30
CA SER B 272 -10.41 -13.43 35.58
C SER B 272 -9.19 -12.52 35.62
N THR B 273 -8.69 -12.08 34.46
CA THR B 273 -7.37 -11.48 34.48
C THR B 273 -7.51 -10.01 34.12
N THR B 274 -7.14 -9.12 35.06
CA THR B 274 -7.06 -7.69 34.77
C THR B 274 -6.04 -7.50 33.65
N GLY B 275 -6.44 -6.76 32.61
CA GLY B 275 -5.54 -6.56 31.47
C GLY B 275 -5.73 -7.56 30.33
N CYS B 276 -6.65 -8.54 30.44
CA CYS B 276 -7.07 -9.32 29.28
C CYS B 276 -8.16 -8.53 28.54
N VAL B 277 -7.82 -7.97 27.37
CA VAL B 277 -8.70 -6.99 26.73
C VAL B 277 -9.73 -7.65 25.81
N GLY B 278 -9.49 -8.92 25.46
CA GLY B 278 -10.57 -9.55 24.72
C GLY B 278 -10.19 -10.89 24.09
N VAL B 279 -11.14 -11.42 23.30
CA VAL B 279 -10.98 -12.73 22.67
C VAL B 279 -11.42 -12.55 21.23
N THR B 280 -10.62 -13.15 20.35
CA THR B 280 -10.94 -13.24 18.94
C THR B 280 -10.98 -14.72 18.57
N ILE B 281 -12.12 -15.17 18.01
CA ILE B 281 -12.15 -16.55 17.53
C ILE B 281 -11.65 -16.55 16.09
N TRP B 282 -11.10 -17.69 15.66
CA TRP B 282 -10.48 -17.78 14.33
C TRP B 282 -11.52 -18.14 13.26
N ASP B 283 -12.30 -17.11 12.83
CA ASP B 283 -13.60 -17.24 12.19
C ASP B 283 -14.63 -17.76 13.20
N TRP B 284 -15.89 -17.92 12.76
CA TRP B 284 -16.93 -18.14 13.74
C TRP B 284 -17.77 -19.37 13.36
N THR B 285 -17.73 -19.75 12.06
CA THR B 285 -18.47 -20.91 11.56
C THR B 285 -17.53 -21.98 11.03
N ASP B 286 -17.84 -23.24 11.37
CA ASP B 286 -17.04 -24.39 10.95
C ASP B 286 -16.89 -24.43 9.44
N LYS B 287 -17.83 -23.81 8.71
CA LYS B 287 -17.76 -23.79 7.24
C LYS B 287 -16.45 -23.18 6.76
N TYR B 288 -15.96 -22.15 7.47
CA TYR B 288 -14.78 -21.41 7.07
C TYR B 288 -13.69 -21.49 8.14
N SER B 289 -13.71 -22.56 8.96
CA SER B 289 -12.64 -22.77 9.91
C SER B 289 -11.36 -23.19 9.19
N TRP B 290 -10.23 -23.02 9.88
CA TRP B 290 -8.99 -23.44 9.26
C TRP B 290 -8.44 -24.66 9.98
N VAL B 291 -8.33 -25.76 9.23
CA VAL B 291 -7.75 -27.01 9.70
C VAL B 291 -6.79 -27.51 8.62
N PRO B 292 -5.48 -27.20 8.76
CA PRO B 292 -4.50 -27.57 7.74
C PRO B 292 -4.24 -29.08 7.79
N SER B 293 -3.69 -29.64 6.70
CA SER B 293 -3.69 -31.09 6.55
C SER B 293 -2.79 -31.82 7.58
N VAL B 294 -1.90 -31.12 8.28
CA VAL B 294 -1.18 -31.70 9.41
C VAL B 294 -2.15 -32.16 10.51
N PHE B 295 -3.40 -31.71 10.49
CA PHE B 295 -4.41 -32.11 11.46
C PHE B 295 -5.46 -32.97 10.77
N GLN B 296 -5.02 -33.94 9.95
CA GLN B 296 -5.86 -34.95 9.32
C GLN B 296 -6.79 -35.57 10.37
N GLY B 297 -8.10 -35.62 10.09
CA GLY B 297 -9.05 -36.27 10.98
C GLY B 297 -9.61 -35.33 12.06
N TYR B 298 -9.26 -34.03 12.01
CA TYR B 298 -9.76 -33.07 12.99
C TYR B 298 -10.68 -32.03 12.32
N GLY B 299 -11.58 -31.42 13.08
CA GLY B 299 -12.44 -30.39 12.51
C GLY B 299 -13.45 -29.86 13.51
N ALA B 300 -14.58 -29.33 13.01
CA ALA B 300 -15.67 -28.74 13.76
C ALA B 300 -15.16 -27.86 14.90
N PRO B 301 -14.26 -26.87 14.65
CA PRO B 301 -13.54 -26.21 15.76
C PRO B 301 -14.23 -24.99 16.36
N LEU B 302 -15.39 -24.56 15.86
CA LEU B 302 -15.87 -23.20 16.18
C LEU B 302 -17.28 -23.18 16.81
N PRO B 303 -17.75 -22.01 17.34
CA PRO B 303 -19.01 -21.98 18.06
C PRO B 303 -20.29 -22.09 17.24
N TRP B 304 -20.23 -21.86 15.91
CA TRP B 304 -21.31 -22.15 14.95
C TRP B 304 -20.88 -23.25 13.98
N ASP B 305 -21.86 -24.05 13.53
CA ASP B 305 -21.60 -25.13 12.61
C ASP B 305 -21.64 -24.61 11.16
N GLU B 306 -21.43 -25.54 10.22
CA GLU B 306 -21.34 -25.19 8.80
C GLU B 306 -22.66 -24.64 8.25
N ASN B 307 -23.75 -24.74 9.00
CA ASN B 307 -25.04 -24.19 8.60
C ASN B 307 -25.33 -22.87 9.30
N TYR B 308 -24.33 -22.29 9.98
CA TYR B 308 -24.51 -21.05 10.72
C TYR B 308 -25.49 -21.21 11.88
N VAL B 309 -25.53 -22.42 12.45
CA VAL B 309 -26.35 -22.75 13.62
C VAL B 309 -25.43 -22.86 14.83
N LYS B 310 -25.82 -22.20 15.92
CA LYS B 310 -25.01 -22.26 17.15
C LYS B 310 -24.78 -23.68 17.63
N LYS B 311 -23.55 -23.94 18.13
CA LYS B 311 -23.19 -25.19 18.78
C LYS B 311 -23.16 -24.95 20.29
N PRO B 312 -23.09 -26.03 21.12
CA PRO B 312 -22.95 -25.84 22.56
C PRO B 312 -21.82 -24.88 22.95
N ALA B 313 -20.74 -24.86 22.16
CA ALA B 313 -19.61 -24.00 22.48
C ALA B 313 -20.03 -22.54 22.57
N TYR B 314 -21.08 -22.10 21.83
CA TYR B 314 -21.57 -20.73 21.93
C TYR B 314 -22.04 -20.46 23.38
N ASP B 315 -22.79 -21.41 23.95
CA ASP B 315 -23.24 -21.26 25.32
C ASP B 315 -22.07 -21.33 26.30
N GLY B 316 -21.10 -22.22 26.02
CA GLY B 316 -19.87 -22.31 26.79
C GLY B 316 -19.21 -20.93 26.90
N LEU B 317 -19.06 -20.24 25.77
CA LEU B 317 -18.44 -18.92 25.81
C LEU B 317 -19.29 -17.96 26.63
N MET B 318 -20.61 -17.98 26.38
CA MET B 318 -21.45 -17.05 27.13
C MET B 318 -21.32 -17.29 28.65
N ALA B 319 -21.30 -18.55 29.06
CA ALA B 319 -21.15 -18.92 30.47
C ALA B 319 -19.82 -18.38 31.00
N GLY B 320 -18.75 -18.55 30.22
CA GLY B 320 -17.41 -18.12 30.59
C GLY B 320 -17.31 -16.60 30.75
N LEU B 321 -18.14 -15.89 29.99
CA LEU B 321 -18.15 -14.44 30.01
C LEU B 321 -19.11 -13.92 31.08
N GLY B 322 -19.68 -14.83 31.88
CA GLY B 322 -20.54 -14.44 32.98
C GLY B 322 -21.94 -14.08 32.54
N ALA B 323 -22.41 -14.62 31.40
CA ALA B 323 -23.69 -14.20 30.81
C ALA B 323 -24.61 -15.41 30.60
#